data_1CIY
#
_entry.id   1CIY
#
_cell.length_a   54.000
_cell.length_b   111.500
_cell.length_c   154.600
_cell.angle_alpha   90.00
_cell.angle_beta   90.00
_cell.angle_gamma   90.00
#
_symmetry.space_group_name_H-M   'P 21 21 21'
#
loop_
_entity.id
_entity.type
_entity.pdbx_description
1 polymer CRYIA(A)
2 water water
#
_entity_poly.entity_id   1
_entity_poly.type   'polypeptide(L)'
_entity_poly.pdbx_seq_one_letter_code
;IETGYTPIDISLSLTQFLLSEFVPGAGFVLGLVDIIWGIFGPSQWDAFLVQIEQLINQRIEEFARNQAISRLEGLSNLYQ
IYAESFREWEADPTNPALREEMRIQFNDMNSALTTAIPLLAVQNYQVPLLSVYVQAANLHLSVLRDVSVFGQRWGFDAAT
INSRYNDLTRLIGNYTDYAVRWYNTGLERVWGPDSRDWVRYNQFRRELTLTVLDIVALFSNYDSRRYPIRTVSQLTREIY
TNPVLENFDGSFRGMAQRIEQNIRQPHLMDILNSITIYTDVHRGFNYWSGHQITASPVGFSGPEFAFPLFGNAGNAAPPV
LVSLTGLGIFRTLSSPLYRRIILGSGPNNQELFVLDGTEFSFASLTTNLPSTIYRQRGTVDSLDVIPPQDNSVPPRAGFS
HRLSHVTMLSQAAGAVYTLRAPTFSWQHRSAEFNNIIPSSQITQIPLTKSTNLGSGTSVVKGPGFTGGDILRRTSPGQIS
TLRVNITAPLSQRYRVRIRYASTTNLQFHTSIDGRPINQGNFSATMSSGSNLQSGSFRTVGFTTPFNFSNGSSVFTLSAH
VFNSGNEVYIDRIEFVPAEVTFEAEYDLER
;
_entity_poly.pdbx_strand_id   A
#
# COMPACT_ATOMS: atom_id res chain seq x y z
N TYR A 5 5.11 -13.32 16.51
CA TYR A 5 4.59 -12.36 15.49
C TYR A 5 4.98 -10.95 15.90
N THR A 6 5.47 -10.21 14.92
CA THR A 6 5.96 -8.86 15.11
C THR A 6 4.93 -7.84 14.72
N PRO A 7 5.25 -6.57 14.95
CA PRO A 7 4.36 -5.47 14.58
C PRO A 7 4.08 -5.57 13.08
N ILE A 8 5.03 -6.15 12.35
CA ILE A 8 4.87 -6.27 10.91
C ILE A 8 3.94 -7.41 10.52
N ASP A 9 3.90 -8.46 11.31
CA ASP A 9 3.00 -9.58 11.02
C ASP A 9 1.55 -9.28 11.38
N ILE A 10 1.36 -8.49 12.44
CA ILE A 10 0.04 -8.09 12.94
C ILE A 10 -0.52 -7.12 11.92
N SER A 11 0.23 -6.07 11.64
CA SER A 11 -0.18 -5.05 10.69
C SER A 11 -0.58 -5.61 9.34
N LEU A 12 0.16 -6.59 8.83
CA LEU A 12 -0.18 -7.16 7.53
C LEU A 12 -1.49 -7.91 7.54
N SER A 13 -1.81 -8.55 8.65
CA SER A 13 -3.06 -9.30 8.72
C SER A 13 -4.22 -8.34 8.95
N LEU A 14 -3.96 -7.22 9.61
CA LEU A 14 -4.98 -6.21 9.87
C LEU A 14 -5.36 -5.62 8.50
N THR A 15 -4.36 -5.26 7.72
CA THR A 15 -4.56 -4.72 6.38
C THR A 15 -5.40 -5.69 5.54
N GLN A 16 -5.17 -6.99 5.69
CA GLN A 16 -5.92 -7.99 4.93
C GLN A 16 -7.38 -7.95 5.35
N PHE A 17 -7.61 -7.80 6.66
CA PHE A 17 -8.94 -7.74 7.22
C PHE A 17 -9.66 -6.48 6.68
N LEU A 18 -8.98 -5.34 6.77
CA LEU A 18 -9.54 -4.08 6.33
C LEU A 18 -9.81 -4.02 4.82
N LEU A 19 -9.19 -4.90 4.06
CA LEU A 19 -9.39 -4.88 2.63
C LEU A 19 -10.46 -5.89 2.22
N SER A 20 -10.77 -6.83 3.08
CA SER A 20 -11.78 -7.82 2.71
C SER A 20 -13.08 -7.75 3.52
N GLU A 21 -13.00 -7.23 4.75
CA GLU A 21 -14.16 -7.13 5.62
C GLU A 21 -14.51 -5.68 6.00
N PHE A 22 -14.51 -4.77 5.05
CA PHE A 22 -14.84 -3.39 5.37
C PHE A 22 -16.35 -3.16 5.14
N VAL A 23 -17.15 -3.49 6.16
CA VAL A 23 -18.61 -3.33 6.18
C VAL A 23 -18.96 -3.10 7.64
N PRO A 24 -19.89 -2.15 7.94
CA PRO A 24 -20.25 -1.89 9.34
C PRO A 24 -20.90 -3.16 9.90
N GLY A 25 -20.62 -3.47 11.16
CA GLY A 25 -21.17 -4.67 11.75
C GLY A 25 -20.39 -5.17 12.95
N ALA A 26 -20.86 -6.26 13.54
CA ALA A 26 -20.21 -6.84 14.72
C ALA A 26 -18.90 -7.47 14.31
N GLY A 27 -18.96 -8.24 13.23
CA GLY A 27 -17.77 -8.88 12.69
C GLY A 27 -16.62 -7.91 12.57
N PHE A 28 -16.89 -6.71 12.05
CA PHE A 28 -15.81 -5.75 11.94
C PHE A 28 -15.31 -5.45 13.34
N VAL A 29 -16.24 -5.10 14.23
CA VAL A 29 -15.96 -4.77 15.63
C VAL A 29 -15.12 -5.83 16.38
N LEU A 30 -15.54 -7.09 16.33
CA LEU A 30 -14.82 -8.18 16.96
C LEU A 30 -13.56 -8.48 16.18
N GLY A 31 -13.56 -8.15 14.88
CA GLY A 31 -12.38 -8.38 14.05
C GLY A 31 -11.22 -7.63 14.63
N LEU A 32 -11.45 -6.37 14.96
CA LEU A 32 -10.40 -5.56 15.54
C LEU A 32 -9.97 -6.10 16.91
N VAL A 33 -10.78 -6.92 17.56
CA VAL A 33 -10.37 -7.45 18.85
C VAL A 33 -9.44 -8.64 18.66
N ASP A 34 -9.76 -9.51 17.71
CA ASP A 34 -8.95 -10.69 17.46
C ASP A 34 -7.57 -10.40 16.86
N ILE A 35 -7.47 -9.34 16.08
CA ILE A 35 -6.23 -9.00 15.42
C ILE A 35 -5.30 -8.16 16.27
N ILE A 36 -5.82 -7.07 16.84
CA ILE A 36 -5.00 -6.15 17.61
C ILE A 36 -5.36 -5.97 19.08
N TRP A 37 -6.56 -5.46 19.31
CA TRP A 37 -7.00 -5.11 20.65
C TRP A 37 -7.37 -6.14 21.70
N GLY A 38 -7.55 -7.38 21.31
CA GLY A 38 -7.90 -8.40 22.28
C GLY A 38 -6.66 -8.93 22.98
N ILE A 39 -5.71 -8.04 23.25
CA ILE A 39 -4.45 -8.41 23.89
C ILE A 39 -4.27 -7.85 25.32
N PHE A 40 -3.61 -8.62 26.17
CA PHE A 40 -3.38 -8.20 27.55
C PHE A 40 -1.89 -8.12 27.84
N GLY A 41 -1.43 -6.92 28.20
CA GLY A 41 -0.03 -6.72 28.52
C GLY A 41 0.70 -5.78 27.58
N PRO A 42 1.66 -5.03 28.11
CA PRO A 42 2.50 -4.06 27.41
C PRO A 42 3.27 -4.70 26.28
N SER A 43 3.64 -5.96 26.50
CA SER A 43 4.40 -6.76 25.56
C SER A 43 4.29 -6.37 24.08
N GLN A 44 3.10 -6.53 23.50
CA GLN A 44 2.88 -6.17 22.09
C GLN A 44 3.14 -4.69 21.81
N TRP A 45 2.71 -3.83 22.72
CA TRP A 45 2.90 -2.39 22.52
C TRP A 45 4.37 -2.05 22.59
N ASP A 46 5.08 -2.63 23.54
CA ASP A 46 6.52 -2.39 23.65
C ASP A 46 7.19 -2.87 22.35
N ALA A 47 6.73 -4.00 21.83
CA ALA A 47 7.23 -4.51 20.57
C ALA A 47 6.97 -3.54 19.39
N PHE A 48 5.80 -2.88 19.36
CA PHE A 48 5.47 -1.90 18.30
C PHE A 48 6.42 -0.72 18.36
N LEU A 49 6.65 -0.21 19.56
CA LEU A 49 7.55 0.93 19.77
C LEU A 49 9.01 0.63 19.43
N VAL A 50 9.52 -0.52 19.88
CA VAL A 50 10.90 -0.91 19.62
C VAL A 50 11.19 -1.00 18.15
N GLN A 51 10.23 -1.55 17.40
CA GLN A 51 10.38 -1.71 15.97
C GLN A 51 10.73 -0.41 15.25
N ILE A 52 10.26 0.73 15.74
CA ILE A 52 10.59 2.00 15.09
C ILE A 52 11.73 2.71 15.81
N GLU A 53 11.79 2.56 17.13
CA GLU A 53 12.83 3.20 17.95
C GLU A 53 14.20 2.79 17.46
N GLN A 54 14.37 1.49 17.24
CA GLN A 54 15.65 0.96 16.79
C GLN A 54 15.94 1.16 15.32
N LEU A 55 15.04 1.83 14.61
CA LEU A 55 15.22 2.09 13.20
C LEU A 55 15.63 3.53 13.00
N ILE A 56 14.95 4.46 13.65
CA ILE A 56 15.32 5.85 13.55
C ILE A 56 16.35 6.18 14.61
N ASN A 57 16.63 5.20 15.47
CA ASN A 57 17.58 5.35 16.58
C ASN A 57 17.06 6.38 17.56
N GLN A 58 15.84 6.16 18.04
CA GLN A 58 15.33 7.08 19.03
C GLN A 58 14.43 6.41 20.02
N ARG A 59 15.00 6.11 21.19
CA ARG A 59 14.23 5.49 22.22
C ARG A 59 13.44 6.63 22.85
N ILE A 60 12.16 6.39 23.07
CA ILE A 60 11.28 7.38 23.67
C ILE A 60 11.65 7.55 25.15
N GLU A 61 11.68 8.79 25.63
CA GLU A 61 12.00 9.05 27.03
C GLU A 61 11.09 8.17 27.90
N GLU A 62 11.67 7.59 28.95
CA GLU A 62 11.02 6.65 29.88
C GLU A 62 9.61 6.95 30.35
N PHE A 63 9.43 8.11 30.97
CA PHE A 63 8.13 8.54 31.47
C PHE A 63 7.10 8.46 30.38
N ALA A 64 7.33 9.23 29.31
CA ALA A 64 6.42 9.28 28.16
C ALA A 64 6.22 7.90 27.56
N ARG A 65 7.31 7.12 27.52
CA ARG A 65 7.26 5.77 26.96
C ARG A 65 6.32 4.89 27.76
N ASN A 66 6.37 4.98 29.08
CA ASN A 66 5.49 4.16 29.93
C ASN A 66 4.06 4.62 29.89
N GLN A 67 3.87 5.93 29.99
CA GLN A 67 2.55 6.54 29.93
C GLN A 67 1.84 6.11 28.65
N ALA A 68 2.59 6.07 27.55
CA ALA A 68 2.04 5.68 26.24
C ALA A 68 1.62 4.23 26.25
N ILE A 69 2.42 3.37 26.85
CA ILE A 69 2.09 1.95 26.87
C ILE A 69 0.90 1.68 27.78
N SER A 70 0.83 2.48 28.84
CA SER A 70 -0.23 2.37 29.82
C SER A 70 -1.57 2.73 29.17
N ARG A 71 -1.63 3.87 28.47
CA ARG A 71 -2.87 4.26 27.79
C ARG A 71 -3.28 3.16 26.80
N LEU A 72 -2.30 2.52 26.18
CA LEU A 72 -2.63 1.49 25.22
C LEU A 72 -3.32 0.33 25.89
N GLU A 73 -2.90 0.00 27.11
CA GLU A 73 -3.52 -1.09 27.87
C GLU A 73 -4.93 -0.66 28.30
N GLY A 74 -5.09 0.64 28.60
CA GLY A 74 -6.37 1.19 28.99
C GLY A 74 -7.35 1.09 27.83
N LEU A 75 -6.93 1.51 26.64
CA LEU A 75 -7.78 1.45 25.46
C LEU A 75 -8.05 0.00 25.14
N SER A 76 -7.11 -0.86 25.44
CA SER A 76 -7.33 -2.26 25.12
C SER A 76 -8.43 -2.89 25.96
N ASN A 77 -8.38 -2.72 27.28
CA ASN A 77 -9.41 -3.28 28.19
C ASN A 77 -10.81 -2.74 27.87
N LEU A 78 -10.91 -1.42 27.70
CA LEU A 78 -12.16 -0.76 27.39
C LEU A 78 -12.79 -1.25 26.09
N TYR A 79 -12.02 -1.27 25.00
CA TYR A 79 -12.56 -1.72 23.72
C TYR A 79 -13.05 -3.15 23.83
N GLN A 80 -12.46 -3.89 24.73
CA GLN A 80 -12.88 -5.26 24.92
C GLN A 80 -14.25 -5.25 25.58
N ILE A 81 -14.52 -4.23 26.41
CA ILE A 81 -15.82 -4.12 27.07
C ILE A 81 -16.81 -3.75 25.97
N TYR A 82 -16.48 -2.69 25.23
CA TYR A 82 -17.27 -2.17 24.13
C TYR A 82 -17.64 -3.26 23.11
N ALA A 83 -16.64 -3.98 22.63
CA ALA A 83 -16.92 -5.00 21.63
C ALA A 83 -17.90 -6.06 22.10
N GLU A 84 -17.82 -6.47 23.36
CA GLU A 84 -18.73 -7.49 23.85
C GLU A 84 -20.17 -6.98 23.93
N SER A 85 -20.32 -5.75 24.43
CA SER A 85 -21.63 -5.11 24.52
C SER A 85 -22.27 -5.02 23.15
N PHE A 86 -21.50 -4.62 22.15
CA PHE A 86 -21.98 -4.50 20.79
C PHE A 86 -22.43 -5.86 20.29
N ARG A 87 -21.63 -6.89 20.52
CA ARG A 87 -22.01 -8.21 20.08
C ARG A 87 -23.36 -8.61 20.65
N GLU A 88 -23.56 -8.33 21.93
CA GLU A 88 -24.83 -8.67 22.59
C GLU A 88 -25.98 -7.82 22.11
N TRP A 89 -25.74 -6.53 21.92
CA TRP A 89 -26.77 -5.62 21.44
C TRP A 89 -27.29 -5.99 20.05
N GLU A 90 -26.36 -6.20 19.11
CA GLU A 90 -26.74 -6.54 17.75
C GLU A 90 -27.67 -7.75 17.73
N ALA A 91 -27.54 -8.61 18.74
CA ALA A 91 -28.36 -9.82 18.85
C ALA A 91 -29.79 -9.56 19.34
N ASP A 92 -29.94 -8.56 20.22
CA ASP A 92 -31.23 -8.17 20.80
C ASP A 92 -31.21 -6.64 20.83
N PRO A 93 -31.17 -6.04 19.64
CA PRO A 93 -31.13 -4.60 19.36
C PRO A 93 -32.29 -3.76 19.83
N THR A 94 -33.30 -4.42 20.38
CA THR A 94 -34.48 -3.74 20.87
C THR A 94 -34.47 -3.64 22.39
N ASN A 95 -33.78 -4.58 23.03
CA ASN A 95 -33.65 -4.63 24.48
C ASN A 95 -33.05 -3.31 24.92
N PRO A 96 -33.88 -2.44 25.52
CA PRO A 96 -33.54 -1.11 26.02
C PRO A 96 -32.35 -1.09 26.92
N ALA A 97 -32.10 -2.21 27.58
CA ALA A 97 -30.96 -2.34 28.48
C ALA A 97 -29.70 -2.34 27.62
N LEU A 98 -29.65 -3.28 26.68
CA LEU A 98 -28.52 -3.41 25.79
C LEU A 98 -28.30 -2.09 25.06
N ARG A 99 -29.40 -1.44 24.67
CA ARG A 99 -29.27 -0.17 23.98
C ARG A 99 -28.73 0.95 24.84
N GLU A 100 -28.92 0.87 26.15
CA GLU A 100 -28.40 1.93 27.01
C GLU A 100 -26.94 1.64 27.34
N GLU A 101 -26.63 0.34 27.42
CA GLU A 101 -25.26 -0.06 27.69
C GLU A 101 -24.39 0.50 26.59
N MET A 102 -24.72 0.15 25.34
CA MET A 102 -23.96 0.66 24.18
C MET A 102 -23.72 2.16 24.21
N ARG A 103 -24.70 2.94 24.66
CA ARG A 103 -24.52 4.40 24.72
C ARG A 103 -23.57 4.74 25.86
N ILE A 104 -23.56 3.90 26.89
CA ILE A 104 -22.68 4.08 28.06
C ILE A 104 -21.24 3.74 27.62
N GLN A 105 -21.06 2.53 27.12
CA GLN A 105 -19.76 2.08 26.65
C GLN A 105 -19.20 2.95 25.53
N PHE A 106 -20.03 3.32 24.56
CA PHE A 106 -19.58 4.16 23.47
C PHE A 106 -18.93 5.43 24.01
N ASN A 107 -19.64 6.17 24.84
CA ASN A 107 -19.13 7.41 25.37
C ASN A 107 -17.76 7.29 26.01
N ASP A 108 -17.61 6.27 26.85
CA ASP A 108 -16.36 6.01 27.55
C ASP A 108 -15.23 5.72 26.53
N MET A 109 -15.56 4.89 25.54
CA MET A 109 -14.63 4.51 24.48
C MET A 109 -14.18 5.75 23.77
N ASN A 110 -15.14 6.54 23.37
CA ASN A 110 -14.83 7.75 22.66
C ASN A 110 -13.97 8.71 23.45
N SER A 111 -14.32 8.96 24.70
CA SER A 111 -13.54 9.89 25.52
C SER A 111 -12.15 9.37 25.89
N ALA A 112 -12.00 8.05 25.97
CA ALA A 112 -10.70 7.45 26.28
C ALA A 112 -9.78 7.73 25.08
N LEU A 113 -10.32 7.57 23.85
CA LEU A 113 -9.59 7.80 22.61
C LEU A 113 -9.21 9.24 22.44
N THR A 114 -10.11 10.13 22.83
CA THR A 114 -9.83 11.54 22.67
C THR A 114 -8.71 12.00 23.58
N THR A 115 -8.47 11.25 24.64
CA THR A 115 -7.46 11.55 25.66
C THR A 115 -6.12 10.82 25.47
N ALA A 116 -6.22 9.56 25.10
CA ALA A 116 -5.05 8.74 24.87
C ALA A 116 -4.26 9.32 23.70
N ILE A 117 -4.95 9.59 22.58
CA ILE A 117 -4.30 10.09 21.38
C ILE A 117 -3.21 11.15 21.50
N PRO A 118 -3.49 12.31 22.10
CA PRO A 118 -2.38 13.26 22.17
C PRO A 118 -1.17 12.68 22.92
N LEU A 119 -1.39 11.71 23.80
CA LEU A 119 -0.26 11.15 24.54
C LEU A 119 0.57 10.21 23.67
N LEU A 120 0.08 9.97 22.45
CA LEU A 120 0.77 9.14 21.47
C LEU A 120 1.33 10.06 20.39
N ALA A 121 1.46 11.34 20.72
CA ALA A 121 1.96 12.32 19.80
C ALA A 121 2.78 13.30 20.59
N VAL A 122 3.44 12.78 21.63
CA VAL A 122 4.30 13.57 22.52
C VAL A 122 5.39 14.34 21.77
N GLN A 123 5.62 15.58 22.17
CA GLN A 123 6.63 16.44 21.54
C GLN A 123 7.99 15.77 21.52
N ASN A 124 8.63 15.81 20.35
CA ASN A 124 9.95 15.22 20.08
C ASN A 124 9.97 13.72 19.89
N TYR A 125 8.89 13.05 20.23
CA TYR A 125 8.83 11.59 20.08
C TYR A 125 7.73 11.17 19.12
N GLN A 126 7.33 12.12 18.28
CA GLN A 126 6.26 11.88 17.34
C GLN A 126 6.54 10.71 16.40
N VAL A 127 7.78 10.61 15.89
CA VAL A 127 8.07 9.54 14.94
C VAL A 127 8.01 8.11 15.48
N PRO A 128 8.75 7.77 16.57
CA PRO A 128 8.70 6.39 17.12
C PRO A 128 7.32 5.95 17.68
N LEU A 129 6.50 6.91 18.09
CA LEU A 129 5.15 6.61 18.58
C LEU A 129 4.19 6.36 17.42
N LEU A 130 4.58 6.84 16.24
CA LEU A 130 3.79 6.76 15.02
C LEU A 130 2.97 5.52 14.66
N SER A 131 3.47 4.31 14.87
CA SER A 131 2.64 3.14 14.52
C SER A 131 1.59 2.90 15.60
N VAL A 132 1.86 3.42 16.79
CA VAL A 132 0.95 3.24 17.90
C VAL A 132 -0.18 4.31 17.82
N TYR A 133 0.16 5.46 17.24
CA TYR A 133 -0.79 6.54 17.01
C TYR A 133 -1.75 6.07 15.92
N VAL A 134 -1.22 5.51 14.84
CA VAL A 134 -2.04 5.00 13.74
C VAL A 134 -2.99 3.91 14.18
N GLN A 135 -2.61 3.12 15.18
CA GLN A 135 -3.50 2.03 15.66
C GLN A 135 -4.67 2.57 16.50
N ALA A 136 -4.42 3.65 17.22
CA ALA A 136 -5.45 4.27 18.05
C ALA A 136 -6.40 5.04 17.14
N ALA A 137 -5.83 5.89 16.28
CA ALA A 137 -6.56 6.67 15.30
C ALA A 137 -7.48 5.75 14.46
N ASN A 138 -6.98 4.59 14.09
CA ASN A 138 -7.80 3.64 13.34
C ASN A 138 -8.98 3.21 14.23
N LEU A 139 -8.71 2.90 15.50
CA LEU A 139 -9.77 2.49 16.40
C LEU A 139 -10.84 3.59 16.54
N HIS A 140 -10.40 4.82 16.75
CA HIS A 140 -11.26 5.98 16.92
C HIS A 140 -12.22 6.18 15.73
N LEU A 141 -11.69 6.24 14.50
CA LEU A 141 -12.52 6.39 13.29
C LEU A 141 -13.52 5.25 13.22
N SER A 142 -13.07 4.09 13.63
CA SER A 142 -13.92 2.91 13.66
C SER A 142 -15.10 3.11 14.64
N VAL A 143 -14.87 3.68 15.83
CA VAL A 143 -15.99 3.84 16.75
C VAL A 143 -16.85 5.03 16.35
N LEU A 144 -16.26 6.08 15.80
CA LEU A 144 -17.05 7.21 15.37
C LEU A 144 -17.94 6.71 14.24
N ARG A 145 -17.40 5.84 13.43
CA ARG A 145 -18.13 5.27 12.31
C ARG A 145 -19.24 4.40 12.85
N ASP A 146 -19.04 3.90 14.07
CA ASP A 146 -20.01 3.02 14.71
C ASP A 146 -21.28 3.74 15.14
N VAL A 147 -21.17 4.89 15.81
CA VAL A 147 -22.37 5.60 16.20
C VAL A 147 -23.04 6.08 14.93
N SER A 148 -22.26 6.70 14.06
CA SER A 148 -22.78 7.21 12.80
C SER A 148 -23.71 6.26 12.07
N VAL A 149 -23.53 4.95 12.30
CA VAL A 149 -24.36 3.95 11.64
C VAL A 149 -25.47 3.38 12.53
N PHE A 150 -25.11 2.97 13.74
CA PHE A 150 -26.07 2.36 14.64
C PHE A 150 -26.48 3.24 15.81
N GLY A 151 -26.13 4.52 15.76
CA GLY A 151 -26.47 5.42 16.86
C GLY A 151 -27.96 5.54 17.12
N GLN A 152 -28.74 5.70 16.07
CA GLN A 152 -30.18 5.82 16.20
C GLN A 152 -30.68 4.55 16.89
N ARG A 153 -30.32 3.39 16.36
CA ARG A 153 -30.76 2.12 16.94
C ARG A 153 -30.24 1.84 18.34
N TRP A 154 -29.41 2.74 18.88
CA TRP A 154 -28.86 2.58 20.22
C TRP A 154 -29.63 3.55 21.12
N GLY A 155 -30.32 4.49 20.47
CA GLY A 155 -31.10 5.47 21.18
C GLY A 155 -30.49 6.87 21.21
N PHE A 156 -29.66 7.21 20.25
CA PHE A 156 -29.07 8.54 20.26
C PHE A 156 -29.89 9.52 19.43
N ASP A 157 -29.89 10.78 19.82
CA ASP A 157 -30.64 11.79 19.09
C ASP A 157 -29.89 12.26 17.86
N ALA A 158 -30.63 12.42 16.77
CA ALA A 158 -30.08 12.88 15.51
C ALA A 158 -29.06 14.01 15.64
N ALA A 159 -29.16 14.83 16.66
CA ALA A 159 -28.20 15.92 16.79
C ALA A 159 -26.82 15.43 17.20
N THR A 160 -26.74 14.45 18.09
CA THR A 160 -25.43 13.95 18.51
C THR A 160 -24.85 13.10 17.41
N ILE A 161 -25.68 12.22 16.84
CA ILE A 161 -25.26 11.37 15.75
C ILE A 161 -24.70 12.23 14.63
N ASN A 162 -25.31 13.38 14.42
CA ASN A 162 -24.82 14.26 13.38
C ASN A 162 -23.50 14.89 13.73
N SER A 163 -23.27 15.17 15.01
CA SER A 163 -22.01 15.76 15.44
C SER A 163 -20.88 14.72 15.43
N ARG A 164 -21.24 13.46 15.66
CA ARG A 164 -20.27 12.37 15.65
C ARG A 164 -19.78 12.18 14.23
N TYR A 165 -20.72 12.18 13.28
CA TYR A 165 -20.35 12.01 11.89
C TYR A 165 -19.50 13.19 11.43
N ASN A 166 -19.71 14.34 12.04
CA ASN A 166 -18.91 15.50 11.69
C ASN A 166 -17.52 15.41 12.25
N ASP A 167 -17.39 14.72 13.39
CA ASP A 167 -16.09 14.51 14.01
C ASP A 167 -15.33 13.49 13.16
N LEU A 168 -16.01 12.40 12.79
CA LEU A 168 -15.48 11.31 11.96
C LEU A 168 -14.86 11.87 10.69
N THR A 169 -15.57 12.84 10.12
CA THR A 169 -15.16 13.52 8.90
C THR A 169 -13.94 14.41 9.10
N ARG A 170 -13.93 15.19 10.16
CA ARG A 170 -12.81 16.08 10.41
C ARG A 170 -11.54 15.29 10.75
N LEU A 171 -11.70 14.20 11.48
CA LEU A 171 -10.60 13.36 11.93
C LEU A 171 -10.01 12.47 10.84
N ILE A 172 -10.86 11.83 10.03
CA ILE A 172 -10.40 10.99 8.93
C ILE A 172 -9.28 11.78 8.27
N GLY A 173 -9.51 13.08 8.12
CA GLY A 173 -8.53 13.95 7.50
C GLY A 173 -7.39 14.38 8.40
N ASN A 174 -7.67 14.69 9.65
CA ASN A 174 -6.64 15.14 10.57
C ASN A 174 -5.63 14.06 10.89
N TYR A 175 -6.14 12.84 11.01
CA TYR A 175 -5.32 11.69 11.30
C TYR A 175 -4.43 11.39 10.10
N THR A 176 -5.03 11.31 8.93
CA THR A 176 -4.32 11.09 7.69
C THR A 176 -3.16 12.07 7.53
N ASP A 177 -3.43 13.34 7.68
CA ASP A 177 -2.38 14.34 7.53
C ASP A 177 -1.27 14.21 8.54
N TYR A 178 -1.61 13.90 9.79
CA TYR A 178 -0.58 13.78 10.83
C TYR A 178 0.36 12.62 10.50
N ALA A 179 -0.20 11.46 10.24
CA ALA A 179 0.61 10.31 9.91
C ALA A 179 1.56 10.56 8.74
N VAL A 180 1.08 11.14 7.64
CA VAL A 180 1.94 11.41 6.47
C VAL A 180 3.01 12.47 6.71
N ARG A 181 2.72 13.44 7.57
CA ARG A 181 3.67 14.51 7.91
C ARG A 181 4.82 13.92 8.71
N TRP A 182 4.51 13.07 9.67
CA TRP A 182 5.55 12.48 10.48
C TRP A 182 6.32 11.35 9.82
N TYR A 183 5.65 10.62 8.94
CA TYR A 183 6.31 9.58 8.19
C TYR A 183 7.37 10.31 7.36
N ASN A 184 6.95 11.34 6.63
CA ASN A 184 7.86 12.11 5.79
C ASN A 184 8.98 12.80 6.52
N THR A 185 8.82 13.02 7.83
CA THR A 185 9.88 13.68 8.57
C THR A 185 10.94 12.70 9.06
N GLY A 186 10.52 11.52 9.46
CA GLY A 186 11.47 10.53 9.92
C GLY A 186 12.27 10.11 8.70
N LEU A 187 11.54 9.82 7.63
CA LEU A 187 12.13 9.39 6.37
C LEU A 187 13.25 10.29 5.92
N GLU A 188 13.14 11.59 6.13
CA GLU A 188 14.21 12.43 5.68
C GLU A 188 15.29 12.51 6.73
N ARG A 189 14.93 12.24 7.97
CA ARG A 189 15.91 12.25 9.06
C ARG A 189 16.85 11.05 8.92
N VAL A 190 16.38 10.01 8.25
CA VAL A 190 17.14 8.79 8.06
C VAL A 190 18.02 8.79 6.80
N TRP A 191 17.78 9.71 5.87
CA TRP A 191 18.56 9.76 4.65
C TRP A 191 20.03 10.11 4.89
N GLY A 192 20.90 9.58 4.03
CA GLY A 192 22.32 9.83 4.14
C GLY A 192 22.94 9.60 2.78
N PRO A 193 24.25 9.88 2.62
CA PRO A 193 25.00 9.72 1.37
C PRO A 193 25.53 8.37 0.95
N ASP A 194 26.06 7.62 1.90
CA ASP A 194 26.65 6.33 1.62
C ASP A 194 25.58 5.28 1.48
N SER A 195 25.99 4.08 1.07
CA SER A 195 25.05 2.97 0.88
C SER A 195 24.44 2.42 2.17
N ARG A 196 25.17 2.53 3.29
CA ARG A 196 24.68 2.06 4.59
C ARG A 196 23.42 2.86 4.96
N ASP A 197 23.42 4.16 4.65
CA ASP A 197 22.28 5.04 4.92
C ASP A 197 21.12 4.67 4.04
N TRP A 198 21.40 4.32 2.80
CA TRP A 198 20.30 3.97 1.94
C TRP A 198 19.61 2.73 2.46
N VAL A 199 20.36 1.79 3.00
CA VAL A 199 19.71 0.59 3.46
C VAL A 199 18.77 0.87 4.64
N ARG A 200 19.13 1.86 5.45
CA ARG A 200 18.36 2.26 6.62
C ARG A 200 17.12 3.07 6.17
N TYR A 201 17.36 3.98 5.23
CA TYR A 201 16.35 4.82 4.61
C TYR A 201 15.28 3.91 3.98
N ASN A 202 15.70 3.03 3.07
CA ASN A 202 14.75 2.11 2.46
C ASN A 202 14.07 1.20 3.47
N GLN A 203 14.77 0.83 4.53
CA GLN A 203 14.13 -0.06 5.50
C GLN A 203 13.05 0.68 6.27
N PHE A 204 13.28 1.95 6.55
CA PHE A 204 12.27 2.76 7.23
C PHE A 204 11.04 2.83 6.33
N ARG A 205 11.26 3.23 5.08
CA ARG A 205 10.20 3.33 4.10
C ARG A 205 9.48 2.03 3.96
N ARG A 206 10.23 0.93 4.01
CA ARG A 206 9.58 -0.36 3.82
C ARG A 206 8.69 -0.72 4.99
N GLU A 207 9.26 -0.73 6.19
CA GLU A 207 8.49 -1.10 7.37
C GLU A 207 7.36 -0.11 7.66
N LEU A 208 7.64 1.19 7.56
CA LEU A 208 6.58 2.17 7.79
C LEU A 208 5.46 2.21 6.72
N THR A 209 5.64 1.51 5.61
CA THR A 209 4.60 1.45 4.59
C THR A 209 3.72 0.33 5.07
N LEU A 210 4.35 -0.76 5.49
CA LEU A 210 3.62 -1.92 5.96
C LEU A 210 2.78 -1.73 7.22
N THR A 211 3.23 -0.85 8.13
CA THR A 211 2.60 -0.63 9.42
C THR A 211 1.96 0.76 9.64
N VAL A 212 2.24 1.73 8.77
CA VAL A 212 1.60 3.02 8.90
C VAL A 212 0.84 3.38 7.64
N LEU A 213 1.55 3.66 6.57
CA LEU A 213 0.91 4.08 5.32
C LEU A 213 -0.17 3.18 4.74
N ASP A 214 0.00 1.88 4.80
CA ASP A 214 -1.02 0.99 4.29
C ASP A 214 -2.32 1.10 5.10
N ILE A 215 -2.22 1.44 6.39
CA ILE A 215 -3.42 1.58 7.21
C ILE A 215 -4.04 2.94 6.86
N VAL A 216 -3.24 4.00 6.85
CA VAL A 216 -3.74 5.32 6.55
C VAL A 216 -4.55 5.38 5.27
N ALA A 217 -4.10 4.68 4.24
CA ALA A 217 -4.80 4.67 2.97
C ALA A 217 -6.26 4.25 3.11
N LEU A 218 -6.54 3.37 4.06
CA LEU A 218 -7.91 2.90 4.28
C LEU A 218 -8.79 3.78 5.20
N PHE A 219 -8.20 4.79 5.85
CA PHE A 219 -8.94 5.69 6.72
C PHE A 219 -10.16 6.31 6.01
N SER A 220 -9.99 6.67 4.73
CA SER A 220 -11.06 7.28 3.94
C SER A 220 -12.34 6.47 3.87
N ASN A 221 -12.21 5.15 4.00
CA ASN A 221 -13.35 4.25 3.93
C ASN A 221 -14.26 4.28 5.16
N TYR A 222 -13.85 5.01 6.20
CA TYR A 222 -14.67 5.09 7.43
C TYR A 222 -15.85 6.04 7.30
N ASP A 223 -15.85 6.83 6.24
CA ASP A 223 -16.92 7.77 5.95
C ASP A 223 -18.17 6.95 5.59
N SER A 224 -19.00 6.63 6.60
CA SER A 224 -20.20 5.80 6.44
C SER A 224 -21.25 6.25 5.46
N ARG A 225 -21.40 7.56 5.28
CA ARG A 225 -22.40 8.01 4.34
C ARG A 225 -21.93 7.81 2.89
N ARG A 226 -20.62 7.87 2.68
CA ARG A 226 -20.02 7.69 1.37
C ARG A 226 -19.82 6.21 1.02
N TYR A 227 -19.50 5.37 1.99
CA TYR A 227 -19.32 3.94 1.73
C TYR A 227 -20.25 3.11 2.64
N PRO A 228 -21.58 3.20 2.42
CA PRO A 228 -22.63 2.50 3.18
C PRO A 228 -22.47 0.99 3.23
N ILE A 229 -21.95 0.42 2.14
CA ILE A 229 -21.79 -1.02 2.09
C ILE A 229 -20.34 -1.46 2.02
N ARG A 230 -20.13 -2.74 1.75
CA ARG A 230 -18.81 -3.29 1.64
C ARG A 230 -18.03 -2.59 0.55
N THR A 231 -16.95 -1.92 0.93
CA THR A 231 -16.09 -1.23 -0.01
C THR A 231 -14.76 -1.99 -0.09
N VAL A 232 -14.18 -2.09 -1.29
CA VAL A 232 -12.95 -2.83 -1.50
C VAL A 232 -11.82 -2.06 -2.20
N SER A 233 -10.76 -1.78 -1.46
CA SER A 233 -9.61 -1.07 -2.01
C SER A 233 -8.52 -2.00 -2.58
N GLN A 234 -7.50 -1.39 -3.19
CA GLN A 234 -6.36 -2.06 -3.78
C GLN A 234 -5.15 -1.17 -3.53
N LEU A 235 -4.06 -1.74 -2.98
CA LEU A 235 -2.86 -0.96 -2.71
C LEU A 235 -1.92 -1.22 -3.87
N THR A 236 -1.50 -0.17 -4.57
CA THR A 236 -0.64 -0.35 -5.74
C THR A 236 0.79 0.14 -5.60
N ARG A 237 1.15 0.61 -4.41
CA ARG A 237 2.52 1.07 -4.17
C ARG A 237 3.46 -0.15 -4.18
N GLU A 238 4.76 0.08 -4.31
CA GLU A 238 5.71 -1.03 -4.33
C GLU A 238 6.74 -0.85 -3.26
N ILE A 239 7.10 -1.95 -2.62
CA ILE A 239 8.16 -1.88 -1.60
C ILE A 239 9.37 -2.67 -2.15
N TYR A 240 10.57 -2.24 -1.79
CA TYR A 240 11.81 -2.84 -2.30
C TYR A 240 12.76 -3.56 -1.34
N THR A 241 13.51 -4.50 -1.92
CA THR A 241 14.54 -5.26 -1.21
C THR A 241 15.78 -5.26 -2.12
N ASN A 242 16.97 -5.26 -1.54
CA ASN A 242 18.22 -5.33 -2.30
C ASN A 242 19.14 -6.24 -1.49
N PRO A 243 19.05 -7.56 -1.69
CA PRO A 243 19.82 -8.62 -1.01
C PRO A 243 21.32 -8.37 -0.87
N VAL A 244 21.95 -7.97 -1.98
CA VAL A 244 23.37 -7.70 -2.00
C VAL A 244 23.76 -6.52 -1.13
N LEU A 245 22.94 -5.50 -1.10
CA LEU A 245 23.28 -4.31 -0.32
C LEU A 245 22.79 -4.29 1.12
N GLU A 246 21.73 -5.03 1.40
CA GLU A 246 21.18 -5.07 2.75
C GLU A 246 21.95 -6.06 3.59
N ASN A 247 22.67 -6.97 2.96
CA ASN A 247 23.42 -7.96 3.72
C ASN A 247 24.94 -7.74 3.70
N PHE A 248 25.36 -6.56 3.30
CA PHE A 248 26.77 -6.23 3.20
C PHE A 248 27.39 -5.61 4.48
N ASP A 249 28.39 -6.29 5.01
CA ASP A 249 29.11 -5.86 6.22
C ASP A 249 29.60 -4.43 6.19
N GLY A 250 29.69 -3.83 5.01
CA GLY A 250 30.21 -2.48 4.93
C GLY A 250 29.37 -1.42 4.25
N SER A 251 30.02 -0.38 3.76
CA SER A 251 29.32 0.71 3.16
C SER A 251 30.06 1.41 2.03
N PHE A 252 29.46 1.46 0.85
CA PHE A 252 30.06 2.14 -0.28
C PHE A 252 29.75 3.62 -0.12
N ARG A 253 30.75 4.41 0.19
CA ARG A 253 30.61 5.83 0.38
C ARG A 253 29.99 6.54 -0.82
N GLY A 254 29.10 7.49 -0.53
CA GLY A 254 28.44 8.27 -1.56
C GLY A 254 27.64 7.56 -2.64
N MET A 255 27.17 6.36 -2.37
CA MET A 255 26.40 5.63 -3.37
C MET A 255 24.86 5.72 -3.23
N ALA A 256 24.37 6.41 -2.19
CA ALA A 256 22.92 6.50 -1.97
C ALA A 256 22.10 7.06 -3.13
N GLN A 257 22.49 8.23 -3.64
CA GLN A 257 21.80 8.84 -4.76
C GLN A 257 21.70 7.84 -5.91
N ARG A 258 22.80 7.20 -6.27
CA ARG A 258 22.79 6.24 -7.35
C ARG A 258 21.78 5.12 -7.12
N ILE A 259 21.73 4.64 -5.90
CA ILE A 259 20.83 3.56 -5.57
C ILE A 259 19.37 3.96 -5.74
N GLU A 260 19.01 5.16 -5.26
CA GLU A 260 17.65 5.64 -5.39
C GLU A 260 17.27 5.84 -6.87
N GLN A 261 18.10 6.56 -7.61
CA GLN A 261 17.84 6.83 -9.02
C GLN A 261 17.61 5.59 -9.85
N ASN A 262 18.10 4.46 -9.36
CA ASN A 262 17.94 3.18 -10.05
C ASN A 262 16.54 2.60 -9.89
N ILE A 263 15.79 3.10 -8.92
CA ILE A 263 14.46 2.56 -8.72
C ILE A 263 13.57 3.12 -9.81
N ARG A 264 12.83 2.20 -10.42
CA ARG A 264 11.88 2.50 -11.48
C ARG A 264 11.00 3.70 -11.10
N GLN A 265 10.75 4.58 -12.07
CA GLN A 265 9.95 5.80 -11.83
C GLN A 265 8.45 5.51 -11.87
N PRO A 266 7.59 6.45 -11.35
CA PRO A 266 6.14 6.27 -11.33
C PRO A 266 5.68 5.81 -12.69
N HIS A 267 4.81 4.81 -12.69
CA HIS A 267 4.38 4.18 -13.91
C HIS A 267 3.05 3.48 -13.68
N LEU A 268 2.37 3.11 -14.76
CA LEU A 268 1.15 2.35 -14.63
C LEU A 268 1.59 0.99 -14.12
N MET A 269 0.66 0.26 -13.54
CA MET A 269 0.98 -1.03 -13.02
C MET A 269 1.12 -2.07 -14.12
N ASP A 270 2.15 -2.91 -14.02
CA ASP A 270 2.35 -4.00 -14.98
C ASP A 270 2.60 -5.33 -14.25
N ILE A 271 2.38 -6.41 -14.98
CA ILE A 271 2.52 -7.79 -14.53
C ILE A 271 3.78 -8.39 -15.13
N LEU A 272 4.65 -8.92 -14.28
CA LEU A 272 5.90 -9.54 -14.71
C LEU A 272 5.64 -10.87 -15.40
N ASN A 273 6.20 -11.04 -16.59
CA ASN A 273 6.02 -12.27 -17.35
C ASN A 273 7.23 -13.20 -17.28
N SER A 274 8.44 -12.65 -17.34
CA SER A 274 9.63 -13.47 -17.31
C SER A 274 10.86 -12.66 -17.03
N ILE A 275 11.92 -13.36 -16.65
CA ILE A 275 13.20 -12.74 -16.39
C ILE A 275 14.15 -13.74 -16.99
N THR A 276 15.07 -13.26 -17.81
CA THR A 276 16.08 -14.11 -18.42
C THR A 276 17.37 -13.64 -17.77
N ILE A 277 18.01 -14.52 -17.00
CA ILE A 277 19.22 -14.14 -16.27
C ILE A 277 20.52 -14.58 -16.96
N TYR A 278 21.51 -13.69 -16.96
CA TYR A 278 22.80 -13.92 -17.62
C TYR A 278 23.95 -14.10 -16.65
N THR A 279 24.78 -15.13 -16.90
CA THR A 279 25.91 -15.44 -16.03
C THR A 279 27.29 -15.10 -16.58
N ASP A 280 28.11 -14.48 -15.77
CA ASP A 280 29.46 -14.16 -16.16
C ASP A 280 30.39 -14.93 -15.20
N VAL A 281 31.69 -14.59 -15.18
CA VAL A 281 32.68 -15.23 -14.29
C VAL A 281 33.82 -14.29 -13.97
N HIS A 282 34.47 -14.56 -12.87
CA HIS A 282 35.63 -13.80 -12.47
C HIS A 282 36.28 -14.61 -11.37
N ARG A 283 37.57 -14.86 -11.52
CA ARG A 283 38.36 -15.64 -10.54
C ARG A 283 37.67 -16.91 -10.06
N GLY A 284 37.11 -17.65 -10.99
CA GLY A 284 36.46 -18.88 -10.61
C GLY A 284 35.13 -18.68 -9.91
N PHE A 285 34.54 -17.51 -10.07
CA PHE A 285 33.22 -17.25 -9.48
C PHE A 285 32.20 -16.79 -10.53
N ASN A 286 31.19 -17.60 -10.74
CA ASN A 286 30.10 -17.24 -11.64
C ASN A 286 29.17 -16.31 -10.85
N TYR A 287 28.42 -15.48 -11.56
CA TYR A 287 27.50 -14.58 -10.90
C TYR A 287 26.48 -14.03 -11.87
N TRP A 288 25.39 -13.47 -11.34
CA TRP A 288 24.30 -12.88 -12.10
C TRP A 288 24.83 -11.53 -12.57
N SER A 289 25.12 -11.42 -13.86
CA SER A 289 25.68 -10.19 -14.41
C SER A 289 24.64 -9.23 -14.99
N GLY A 290 23.56 -9.79 -15.55
CA GLY A 290 22.54 -8.96 -16.12
C GLY A 290 21.30 -9.74 -16.45
N HIS A 291 20.23 -9.06 -16.82
CA HIS A 291 18.99 -9.76 -17.14
C HIS A 291 18.07 -8.90 -17.97
N GLN A 292 17.04 -9.52 -18.52
CA GLN A 292 16.08 -8.81 -19.33
C GLN A 292 14.67 -9.26 -18.90
N ILE A 293 13.79 -8.29 -18.65
CA ILE A 293 12.43 -8.55 -18.20
C ILE A 293 11.39 -8.25 -19.30
N THR A 294 10.26 -8.95 -19.24
CA THR A 294 9.12 -8.75 -20.14
C THR A 294 7.85 -8.68 -19.25
N ALA A 295 7.03 -7.66 -19.46
CA ALA A 295 5.82 -7.45 -18.68
C ALA A 295 4.63 -7.15 -19.57
N SER A 296 3.43 -7.37 -19.03
CA SER A 296 2.17 -7.11 -19.74
C SER A 296 1.38 -5.98 -19.05
N PRO A 297 0.42 -5.37 -19.76
CA PRO A 297 -0.41 -4.29 -19.18
C PRO A 297 -1.39 -4.97 -18.23
N VAL A 298 -1.97 -4.24 -17.29
CA VAL A 298 -2.90 -4.87 -16.35
C VAL A 298 -3.97 -5.66 -17.11
N GLY A 299 -4.35 -6.81 -16.58
CA GLY A 299 -5.37 -7.60 -17.23
C GLY A 299 -4.91 -8.16 -18.56
N PHE A 300 -3.64 -7.92 -18.92
CA PHE A 300 -3.11 -8.39 -20.18
C PHE A 300 -3.97 -7.81 -21.31
N SER A 301 -4.35 -6.55 -21.13
CA SER A 301 -5.18 -5.81 -22.08
C SER A 301 -4.36 -5.31 -23.25
N GLY A 302 -3.03 -5.43 -23.12
CA GLY A 302 -2.13 -5.01 -24.15
C GLY A 302 -1.17 -6.15 -24.39
N PRO A 303 -0.24 -6.00 -25.33
CA PRO A 303 0.72 -7.07 -25.60
C PRO A 303 1.96 -7.01 -24.69
N GLU A 304 2.58 -8.16 -24.49
CA GLU A 304 3.78 -8.28 -23.66
C GLU A 304 4.95 -7.50 -24.21
N PHE A 305 5.41 -6.50 -23.46
CA PHE A 305 6.55 -5.71 -23.89
C PHE A 305 7.81 -6.18 -23.17
N ALA A 306 8.96 -5.65 -23.54
CA ALA A 306 10.21 -6.06 -22.91
C ALA A 306 11.06 -4.86 -22.59
N PHE A 307 11.71 -4.87 -21.44
CA PHE A 307 12.55 -3.75 -21.06
C PHE A 307 13.92 -3.98 -21.62
N PRO A 308 14.72 -2.90 -21.73
CA PRO A 308 16.08 -3.08 -22.26
C PRO A 308 16.80 -4.02 -21.28
N LEU A 309 17.96 -4.52 -21.70
CA LEU A 309 18.75 -5.43 -20.89
C LEU A 309 19.30 -4.67 -19.73
N PHE A 310 19.25 -5.26 -18.54
CA PHE A 310 19.78 -4.61 -17.37
C PHE A 310 21.13 -5.30 -17.17
N GLY A 311 22.17 -4.51 -16.95
CA GLY A 311 23.50 -5.06 -16.76
C GLY A 311 24.18 -5.44 -18.06
N ASN A 312 24.85 -6.58 -18.06
CA ASN A 312 25.55 -7.07 -19.24
C ASN A 312 25.22 -8.54 -19.41
N ALA A 313 25.13 -8.99 -20.66
CA ALA A 313 24.82 -10.39 -20.89
C ALA A 313 26.12 -11.20 -20.96
N GLY A 314 26.40 -11.94 -19.89
CA GLY A 314 27.58 -12.74 -19.84
C GLY A 314 27.35 -14.05 -20.55
N ASN A 315 28.47 -14.67 -20.96
CA ASN A 315 28.48 -15.93 -21.70
C ASN A 315 28.91 -17.13 -20.86
N ALA A 316 29.48 -16.88 -19.68
CA ALA A 316 30.02 -17.94 -18.82
C ALA A 316 29.16 -19.19 -18.71
N ALA A 317 27.85 -19.04 -18.84
CA ALA A 317 26.96 -20.17 -18.79
C ALA A 317 25.76 -19.71 -19.58
N PRO A 318 24.92 -20.63 -20.04
CA PRO A 318 23.77 -20.18 -20.82
C PRO A 318 22.69 -19.45 -19.99
N PRO A 319 21.92 -18.56 -20.63
CA PRO A 319 20.85 -17.78 -20.00
C PRO A 319 19.82 -18.67 -19.33
N VAL A 320 19.30 -18.22 -18.18
CA VAL A 320 18.27 -18.96 -17.45
C VAL A 320 16.91 -18.23 -17.62
N LEU A 321 15.88 -19.01 -17.92
CA LEU A 321 14.57 -18.43 -18.12
C LEU A 321 13.64 -18.62 -16.94
N VAL A 322 13.31 -17.49 -16.30
CA VAL A 322 12.38 -17.45 -15.20
C VAL A 322 11.08 -16.93 -15.80
N SER A 323 10.05 -17.78 -15.87
CA SER A 323 8.75 -17.38 -16.40
C SER A 323 7.61 -17.59 -15.38
N LEU A 324 6.80 -16.55 -15.21
CA LEU A 324 5.65 -16.55 -14.29
C LEU A 324 4.70 -17.71 -14.47
N THR A 325 4.29 -18.27 -13.35
CA THR A 325 3.30 -19.33 -13.32
C THR A 325 2.62 -19.17 -11.97
N GLY A 326 1.41 -19.69 -11.84
CA GLY A 326 0.68 -19.56 -10.59
C GLY A 326 0.28 -18.12 -10.38
N LEU A 327 0.06 -17.74 -9.13
CA LEU A 327 -0.33 -16.38 -8.80
C LEU A 327 0.82 -15.41 -8.81
N GLY A 328 2.00 -15.85 -9.26
CA GLY A 328 3.13 -14.95 -9.31
C GLY A 328 4.30 -15.40 -8.47
N ILE A 329 5.34 -14.58 -8.41
CA ILE A 329 6.51 -14.94 -7.61
C ILE A 329 6.36 -14.36 -6.22
N PHE A 330 6.12 -15.22 -5.24
CA PHE A 330 5.94 -14.72 -3.88
C PHE A 330 7.17 -14.80 -3.01
N ARG A 331 8.21 -15.47 -3.49
CA ARG A 331 9.42 -15.65 -2.67
C ARG A 331 10.71 -15.74 -3.46
N THR A 332 11.75 -15.10 -2.96
CA THR A 332 13.08 -15.18 -3.55
C THR A 332 14.08 -15.52 -2.44
N LEU A 333 14.84 -16.59 -2.63
CA LEU A 333 15.88 -17.04 -1.69
C LEU A 333 17.23 -16.71 -2.32
N SER A 334 17.73 -15.53 -2.04
CA SER A 334 18.96 -15.07 -2.61
C SER A 334 20.26 -15.49 -1.92
N SER A 335 21.30 -15.52 -2.74
CA SER A 335 22.63 -15.90 -2.35
C SER A 335 23.64 -14.82 -2.74
N PRO A 336 23.99 -13.90 -1.82
CA PRO A 336 24.96 -12.88 -2.20
C PRO A 336 26.40 -13.42 -2.05
N LEU A 337 27.32 -12.89 -2.87
CA LEU A 337 28.72 -13.28 -2.92
C LEU A 337 29.56 -12.02 -2.74
N TYR A 338 30.36 -12.00 -1.69
CA TYR A 338 31.22 -10.86 -1.41
C TYR A 338 32.63 -11.39 -1.47
N ARG A 339 33.33 -11.09 -2.56
CA ARG A 339 34.72 -11.51 -2.76
C ARG A 339 35.52 -10.28 -2.43
N ARG A 340 36.13 -10.24 -1.24
CA ARG A 340 36.92 -9.08 -0.78
C ARG A 340 38.38 -9.33 -1.07
N ILE A 341 39.20 -8.29 -1.01
CA ILE A 341 40.59 -8.50 -1.35
C ILE A 341 41.56 -7.53 -0.72
N ILE A 342 42.74 -8.05 -0.33
CA ILE A 342 43.83 -7.24 0.22
C ILE A 342 44.69 -6.68 -0.93
N LEU A 343 44.42 -5.41 -1.26
CA LEU A 343 44.97 -4.62 -2.35
C LEU A 343 46.26 -4.87 -3.13
N GLY A 344 46.09 -4.61 -4.43
CA GLY A 344 47.11 -4.74 -5.44
C GLY A 344 46.24 -5.00 -6.64
N SER A 345 45.64 -3.97 -7.23
CA SER A 345 44.75 -4.22 -8.34
C SER A 345 44.97 -3.56 -9.70
N GLY A 346 45.53 -4.33 -10.61
CA GLY A 346 45.69 -3.87 -11.97
C GLY A 346 44.29 -4.23 -12.49
N PRO A 347 43.84 -3.71 -13.61
CA PRO A 347 42.48 -4.14 -13.96
C PRO A 347 42.31 -5.66 -14.26
N ASN A 348 42.30 -6.49 -13.22
CA ASN A 348 42.15 -7.98 -13.44
C ASN A 348 41.57 -8.85 -12.30
N ASN A 349 42.23 -8.85 -11.14
CA ASN A 349 41.77 -9.58 -9.96
C ASN A 349 40.99 -8.50 -9.21
N GLN A 350 39.67 -8.62 -9.17
CA GLN A 350 38.79 -7.62 -8.54
C GLN A 350 37.84 -8.16 -7.48
N GLU A 351 37.36 -7.26 -6.64
CA GLU A 351 36.38 -7.61 -5.59
C GLU A 351 34.99 -7.76 -6.22
N LEU A 352 34.23 -8.72 -5.74
CA LEU A 352 32.89 -8.99 -6.23
C LEU A 352 31.82 -8.78 -5.17
N PHE A 353 30.84 -7.94 -5.48
CA PHE A 353 29.68 -7.70 -4.59
C PHE A 353 28.52 -7.98 -5.52
N VAL A 354 28.07 -9.23 -5.55
CA VAL A 354 27.02 -9.64 -6.47
C VAL A 354 26.25 -10.79 -5.88
N LEU A 355 25.37 -11.42 -6.68
CA LEU A 355 24.57 -12.58 -6.28
C LEU A 355 24.93 -13.74 -7.21
N ASP A 356 25.18 -14.92 -6.65
CA ASP A 356 25.51 -16.07 -7.46
C ASP A 356 24.41 -17.11 -7.49
N GLY A 357 23.25 -16.76 -6.92
CA GLY A 357 22.13 -17.68 -6.94
C GLY A 357 20.88 -17.01 -6.42
N THR A 358 19.73 -17.61 -6.72
CA THR A 358 18.41 -17.15 -6.28
C THR A 358 17.38 -18.19 -6.70
N GLU A 359 16.57 -18.64 -5.75
CA GLU A 359 15.51 -19.58 -6.05
C GLU A 359 14.22 -18.73 -6.07
N PHE A 360 13.43 -18.88 -7.12
CA PHE A 360 12.19 -18.14 -7.27
C PHE A 360 11.03 -19.12 -7.02
N SER A 361 10.12 -18.81 -6.09
CA SER A 361 9.00 -19.71 -5.83
C SER A 361 7.68 -19.07 -6.26
N PHE A 362 6.81 -19.87 -6.88
CA PHE A 362 5.50 -19.41 -7.37
C PHE A 362 4.34 -19.72 -6.46
N ALA A 363 3.47 -18.71 -6.29
CA ALA A 363 2.31 -18.78 -5.42
C ALA A 363 1.18 -19.58 -6.03
N SER A 364 0.39 -20.17 -5.14
CA SER A 364 -0.74 -20.96 -5.55
C SER A 364 -1.52 -21.26 -4.30
N LEU A 365 -2.82 -21.48 -4.46
CA LEU A 365 -3.69 -21.78 -3.33
C LEU A 365 -3.98 -23.28 -3.39
N THR A 366 -4.00 -23.80 -4.62
CA THR A 366 -4.25 -25.21 -4.87
C THR A 366 -3.06 -26.11 -4.57
N THR A 367 -2.14 -26.20 -5.52
CA THR A 367 -0.97 -27.08 -5.42
C THR A 367 0.39 -26.45 -5.08
N ASN A 368 1.34 -27.33 -4.83
CA ASN A 368 2.71 -26.96 -4.54
C ASN A 368 3.42 -26.86 -5.90
N LEU A 369 3.84 -25.65 -6.26
CA LEU A 369 4.50 -25.41 -7.54
C LEU A 369 6.01 -25.49 -7.50
N PRO A 370 6.61 -26.04 -8.57
CA PRO A 370 8.07 -26.17 -8.68
C PRO A 370 8.71 -24.79 -8.79
N SER A 371 9.73 -24.54 -7.98
CA SER A 371 10.42 -23.26 -8.04
C SER A 371 11.39 -23.30 -9.22
N THR A 372 11.98 -22.16 -9.53
CA THR A 372 12.93 -22.08 -10.62
C THR A 372 14.21 -21.62 -9.97
N ILE A 373 15.21 -22.50 -10.01
CA ILE A 373 16.47 -22.19 -9.38
C ILE A 373 17.51 -21.62 -10.33
N TYR A 374 18.06 -20.47 -9.98
CA TYR A 374 19.13 -19.88 -10.75
C TYR A 374 20.41 -20.22 -9.97
N ARG A 375 21.13 -21.23 -10.46
CA ARG A 375 22.37 -21.74 -9.87
C ARG A 375 22.19 -22.47 -8.55
N GLN A 376 21.83 -21.75 -7.51
CA GLN A 376 21.67 -22.39 -6.20
C GLN A 376 20.83 -21.46 -5.35
N ARG A 377 20.32 -21.99 -4.23
CA ARG A 377 19.51 -21.21 -3.29
C ARG A 377 20.45 -20.36 -2.46
N GLY A 378 19.89 -19.69 -1.46
CA GLY A 378 20.70 -18.85 -0.62
C GLY A 378 20.02 -18.78 0.72
N THR A 379 20.51 -17.91 1.58
CA THR A 379 19.90 -17.80 2.89
C THR A 379 19.14 -16.49 3.11
N VAL A 380 19.24 -15.58 2.16
CA VAL A 380 18.55 -14.32 2.29
C VAL A 380 17.16 -14.56 1.72
N ASP A 381 16.20 -14.77 2.63
CA ASP A 381 14.80 -15.05 2.32
C ASP A 381 13.94 -13.76 2.28
N SER A 382 13.15 -13.57 1.24
CA SER A 382 12.28 -12.38 1.13
C SER A 382 11.22 -12.44 2.22
N LEU A 383 10.76 -13.65 2.55
CA LEU A 383 9.75 -13.81 3.60
C LEU A 383 10.11 -13.13 4.92
N ASP A 384 11.40 -13.02 5.22
CA ASP A 384 11.81 -12.39 6.47
C ASP A 384 11.67 -10.88 6.44
N VAL A 385 11.35 -10.29 5.30
CA VAL A 385 11.20 -8.83 5.28
C VAL A 385 9.85 -8.43 4.69
N ILE A 386 9.19 -9.41 4.07
CA ILE A 386 7.91 -9.22 3.44
C ILE A 386 7.17 -10.52 3.70
N PRO A 387 6.69 -10.69 4.93
CA PRO A 387 5.97 -11.85 5.44
C PRO A 387 4.55 -12.06 4.95
N PRO A 388 4.01 -13.28 5.15
CA PRO A 388 2.66 -13.65 4.75
C PRO A 388 1.69 -12.77 5.51
N GLN A 389 0.53 -12.57 4.92
CA GLN A 389 -0.49 -11.78 5.57
C GLN A 389 -1.34 -12.79 6.35
N ASP A 390 -1.27 -14.06 5.94
CA ASP A 390 -2.02 -15.14 6.57
C ASP A 390 -1.08 -16.29 6.94
N ASN A 391 -0.88 -16.48 8.23
CA ASN A 391 -0.01 -17.53 8.74
C ASN A 391 -0.74 -18.79 9.17
N SER A 392 -1.87 -19.07 8.55
CA SER A 392 -2.63 -20.27 8.89
C SER A 392 -2.68 -21.17 7.66
N VAL A 393 -2.03 -20.74 6.60
CA VAL A 393 -1.95 -21.48 5.34
C VAL A 393 -0.50 -21.37 4.92
N PRO A 394 0.00 -22.34 4.13
CA PRO A 394 1.38 -22.27 3.68
C PRO A 394 1.68 -20.92 3.02
N PRO A 395 2.93 -20.43 3.14
CA PRO A 395 3.30 -19.13 2.55
C PRO A 395 2.91 -18.99 1.08
N ARG A 396 2.86 -20.11 0.36
CA ARG A 396 2.51 -20.10 -1.03
C ARG A 396 1.08 -19.62 -1.24
N ALA A 397 0.28 -19.78 -0.19
CA ALA A 397 -1.12 -19.40 -0.17
C ALA A 397 -1.40 -18.14 0.67
N GLY A 398 -0.56 -17.88 1.66
CA GLY A 398 -0.77 -16.76 2.55
C GLY A 398 0.11 -15.57 2.27
N PHE A 399 0.84 -15.64 1.16
CA PHE A 399 1.76 -14.57 0.73
C PHE A 399 1.08 -13.18 0.68
N SER A 400 1.82 -12.12 0.97
CA SER A 400 1.25 -10.78 0.95
C SER A 400 1.60 -9.92 -0.27
N HIS A 401 2.71 -10.24 -0.91
CA HIS A 401 3.19 -9.51 -2.09
C HIS A 401 3.68 -10.47 -3.16
N ARG A 402 3.90 -9.94 -4.34
CA ARG A 402 4.41 -10.77 -5.43
C ARG A 402 5.37 -9.87 -6.18
N LEU A 403 6.45 -10.47 -6.69
CA LEU A 403 7.48 -9.72 -7.40
C LEU A 403 6.95 -9.00 -8.62
N SER A 404 7.43 -7.77 -8.82
CA SER A 404 6.96 -6.97 -9.95
C SER A 404 8.02 -6.53 -10.95
N HIS A 405 9.23 -6.31 -10.48
CA HIS A 405 10.29 -5.82 -11.34
C HIS A 405 11.62 -6.01 -10.64
N VAL A 406 12.67 -6.27 -11.43
CA VAL A 406 14.03 -6.44 -10.89
C VAL A 406 14.95 -5.48 -11.66
N THR A 407 15.52 -4.48 -10.99
CA THR A 407 16.45 -3.58 -11.65
C THR A 407 17.83 -4.24 -11.56
N MET A 408 18.89 -3.47 -11.83
CA MET A 408 20.25 -3.98 -11.74
C MET A 408 21.14 -2.80 -11.50
N LEU A 409 21.68 -2.72 -10.29
CA LEU A 409 22.59 -1.63 -9.95
C LEU A 409 24.01 -2.14 -10.23
N SER A 410 24.84 -1.26 -10.79
CA SER A 410 26.22 -1.58 -11.15
C SER A 410 27.18 -0.52 -10.62
N GLN A 411 28.46 -0.81 -10.62
CA GLN A 411 29.46 0.13 -10.13
C GLN A 411 29.60 1.30 -11.08
N ALA A 412 29.90 2.47 -10.52
CA ALA A 412 30.07 3.68 -11.31
C ALA A 412 31.18 3.45 -12.32
N ALA A 413 31.19 4.23 -13.39
CA ALA A 413 32.26 4.08 -14.37
C ALA A 413 33.48 4.59 -13.60
N GLY A 414 34.57 3.81 -13.63
CA GLY A 414 35.75 4.24 -12.91
C GLY A 414 35.93 3.57 -11.55
N ALA A 415 34.92 2.82 -11.10
CA ALA A 415 35.00 2.10 -9.84
C ALA A 415 35.90 0.94 -10.20
N VAL A 416 36.69 0.47 -9.24
CA VAL A 416 37.61 -0.62 -9.52
C VAL A 416 37.14 -2.01 -9.16
N TYR A 417 35.86 -2.18 -8.86
CA TYR A 417 35.33 -3.49 -8.48
C TYR A 417 34.09 -3.78 -9.27
N THR A 418 33.58 -5.01 -9.12
CA THR A 418 32.37 -5.41 -9.81
C THR A 418 31.16 -5.54 -8.89
N LEU A 419 30.24 -4.58 -9.04
CA LEU A 419 29.00 -4.51 -8.28
C LEU A 419 27.85 -4.88 -9.20
N ARG A 420 27.11 -5.89 -8.84
CA ARG A 420 25.96 -6.35 -9.59
C ARG A 420 24.83 -6.57 -8.52
N ALA A 421 24.22 -5.46 -8.06
CA ALA A 421 23.18 -5.47 -7.03
C ALA A 421 21.74 -5.20 -7.52
N PRO A 422 20.99 -6.24 -7.91
CA PRO A 422 19.64 -5.93 -8.36
C PRO A 422 18.63 -5.60 -7.26
N THR A 423 17.89 -4.49 -7.44
CA THR A 423 16.83 -4.11 -6.51
C THR A 423 15.57 -4.82 -6.98
N PHE A 424 14.88 -5.50 -6.05
CA PHE A 424 13.65 -6.23 -6.33
C PHE A 424 12.47 -5.33 -5.92
N SER A 425 11.38 -5.37 -6.70
CA SER A 425 10.17 -4.58 -6.44
C SER A 425 9.07 -5.52 -6.05
N TRP A 426 8.33 -5.17 -5.01
CA TRP A 426 7.25 -6.02 -4.53
C TRP A 426 5.93 -5.26 -4.54
N GLN A 427 4.92 -5.94 -5.08
CA GLN A 427 3.55 -5.44 -5.27
C GLN A 427 2.58 -6.09 -4.29
N HIS A 428 1.71 -5.28 -3.69
CA HIS A 428 0.74 -5.82 -2.75
C HIS A 428 -0.19 -6.76 -3.49
N ARG A 429 -0.51 -7.85 -2.83
CA ARG A 429 -1.39 -8.86 -3.36
C ARG A 429 -2.77 -8.31 -3.81
N SER A 430 -3.21 -7.20 -3.19
CA SER A 430 -4.53 -6.63 -3.50
C SER A 430 -4.67 -6.08 -4.91
N ALA A 431 -3.59 -5.53 -5.44
CA ALA A 431 -3.56 -4.99 -6.79
C ALA A 431 -3.71 -6.23 -7.66
N GLU A 432 -4.94 -6.64 -7.89
CA GLU A 432 -5.21 -7.84 -8.67
C GLU A 432 -4.81 -7.67 -10.12
N PHE A 433 -4.43 -8.79 -10.70
CA PHE A 433 -4.00 -8.87 -12.09
C PHE A 433 -5.05 -8.32 -13.04
N ASN A 434 -6.31 -8.53 -12.69
CA ASN A 434 -7.43 -8.06 -13.47
C ASN A 434 -8.25 -7.05 -12.68
N ASN A 435 -8.95 -6.18 -13.40
CA ASN A 435 -9.82 -5.18 -12.81
C ASN A 435 -11.23 -5.78 -12.84
N ILE A 436 -11.67 -6.37 -11.73
CA ILE A 436 -12.98 -7.02 -11.66
C ILE A 436 -14.05 -6.20 -10.92
N ILE A 437 -15.18 -5.97 -11.59
CA ILE A 437 -16.29 -5.21 -11.02
C ILE A 437 -17.45 -6.17 -10.78
N PRO A 438 -17.69 -6.53 -9.52
CA PRO A 438 -18.79 -7.44 -9.21
C PRO A 438 -19.92 -6.63 -8.57
N SER A 439 -20.99 -7.32 -8.22
CA SER A 439 -22.12 -6.66 -7.61
C SER A 439 -22.02 -6.75 -6.10
N SER A 440 -22.82 -5.92 -5.44
CA SER A 440 -22.87 -5.90 -3.99
C SER A 440 -21.61 -5.39 -3.28
N GLN A 441 -20.94 -4.41 -3.88
CA GLN A 441 -19.76 -3.79 -3.27
C GLN A 441 -19.33 -2.59 -4.05
N ILE A 442 -18.75 -1.63 -3.34
CA ILE A 442 -18.24 -0.42 -3.96
C ILE A 442 -16.80 -0.78 -4.29
N THR A 443 -16.57 -1.16 -5.55
CA THR A 443 -15.25 -1.54 -6.03
C THR A 443 -14.42 -0.28 -6.33
N GLN A 444 -13.21 -0.21 -5.79
CA GLN A 444 -12.32 0.92 -6.05
C GLN A 444 -11.25 0.40 -7.02
N ILE A 445 -10.94 1.20 -8.05
CA ILE A 445 -9.94 0.88 -9.09
C ILE A 445 -9.05 2.11 -9.26
N PRO A 446 -7.84 2.11 -8.66
CA PRO A 446 -6.92 3.26 -8.80
C PRO A 446 -6.57 3.44 -10.28
N LEU A 447 -6.24 4.66 -10.69
CA LEU A 447 -5.96 4.83 -12.10
C LEU A 447 -4.62 4.29 -12.59
N THR A 448 -3.75 3.89 -11.67
CA THR A 448 -2.47 3.34 -12.06
C THR A 448 -2.70 1.96 -12.63
N LYS A 449 -3.89 1.40 -12.43
CA LYS A 449 -4.17 0.09 -12.98
C LYS A 449 -4.75 0.21 -14.37
N SER A 450 -4.47 1.34 -15.03
CA SER A 450 -4.96 1.61 -16.38
C SER A 450 -4.15 0.86 -17.41
N THR A 451 -4.77 0.54 -18.54
CA THR A 451 -4.08 -0.14 -19.60
C THR A 451 -3.18 0.81 -20.33
N ASN A 452 -3.54 2.10 -20.37
CA ASN A 452 -2.70 3.09 -21.03
C ASN A 452 -3.10 4.51 -20.70
N LEU A 453 -2.15 5.41 -20.88
CA LEU A 453 -2.31 6.81 -20.61
C LEU A 453 -2.66 7.59 -21.87
N GLY A 454 -3.30 8.74 -21.67
CA GLY A 454 -3.68 9.58 -22.77
C GLY A 454 -2.51 10.50 -22.95
N SER A 455 -2.43 11.15 -24.11
CA SER A 455 -1.34 12.06 -24.42
C SER A 455 -1.25 13.23 -23.49
N GLY A 456 -0.21 13.26 -22.67
CA GLY A 456 -0.06 14.37 -21.77
C GLY A 456 -0.40 14.00 -20.34
N THR A 457 -0.87 12.78 -20.11
CA THR A 457 -1.17 12.37 -18.76
C THR A 457 0.16 11.86 -18.21
N SER A 458 0.43 12.14 -16.93
CA SER A 458 1.67 11.70 -16.29
C SER A 458 1.34 10.88 -15.07
N VAL A 459 2.21 9.93 -14.72
CA VAL A 459 2.00 9.18 -13.50
C VAL A 459 2.94 9.90 -12.56
N VAL A 460 2.36 10.56 -11.58
CA VAL A 460 3.12 11.32 -10.63
C VAL A 460 3.15 10.53 -9.28
N LYS A 461 4.12 10.85 -8.45
CA LYS A 461 4.32 10.20 -7.16
C LYS A 461 3.11 10.50 -6.28
N GLY A 462 2.61 9.48 -5.58
CA GLY A 462 1.44 9.67 -4.72
C GLY A 462 1.77 10.58 -3.56
N PRO A 463 0.76 11.18 -2.89
CA PRO A 463 0.97 12.09 -1.75
C PRO A 463 1.30 11.35 -0.42
N GLY A 464 0.96 10.08 -0.33
CA GLY A 464 1.24 9.32 0.87
C GLY A 464 0.04 8.57 1.44
N PHE A 465 -1.14 9.13 1.26
CA PHE A 465 -2.37 8.51 1.78
C PHE A 465 -3.24 7.80 0.76
N THR A 466 -2.82 7.70 -0.50
CA THR A 466 -3.66 7.04 -1.51
C THR A 466 -3.39 5.57 -1.79
N GLY A 467 -2.37 5.02 -1.12
CA GLY A 467 -2.01 3.62 -1.29
C GLY A 467 -1.23 3.32 -2.57
N GLY A 468 -0.79 4.36 -3.25
CA GLY A 468 -0.04 4.18 -4.49
C GLY A 468 0.19 5.52 -5.14
N ASP A 469 0.55 5.51 -6.42
CA ASP A 469 0.81 6.73 -7.18
C ASP A 469 -0.46 7.27 -7.87
N ILE A 470 -0.40 8.50 -8.37
CA ILE A 470 -1.58 9.10 -8.98
C ILE A 470 -1.27 9.76 -10.33
N LEU A 471 -2.25 9.79 -11.24
CA LEU A 471 -2.12 10.42 -12.57
C LEU A 471 -2.26 11.93 -12.46
N ARG A 472 -1.74 12.68 -13.43
CA ARG A 472 -1.84 14.14 -13.41
C ARG A 472 -1.95 14.66 -14.84
N ARG A 473 -2.49 15.85 -14.99
CA ARG A 473 -2.67 16.41 -16.30
C ARG A 473 -2.87 17.88 -16.11
N THR A 474 -2.30 18.70 -16.99
CA THR A 474 -2.42 20.16 -16.87
C THR A 474 -3.22 20.87 -17.97
N SER A 475 -4.02 20.14 -18.74
CA SER A 475 -4.80 20.71 -19.83
C SER A 475 -5.90 19.75 -20.24
N PRO A 476 -6.93 20.24 -20.97
CA PRO A 476 -8.01 19.36 -21.39
C PRO A 476 -7.46 18.22 -22.19
N GLY A 477 -8.03 17.03 -22.03
CA GLY A 477 -7.55 15.90 -22.78
C GLY A 477 -7.98 14.60 -22.17
N GLN A 478 -7.51 13.51 -22.74
CA GLN A 478 -7.86 12.19 -22.23
C GLN A 478 -6.87 11.79 -21.14
N ILE A 479 -7.40 11.34 -20.01
CA ILE A 479 -6.59 10.92 -18.87
C ILE A 479 -6.03 9.52 -19.07
N SER A 480 -6.88 8.51 -19.17
CA SER A 480 -6.37 7.17 -19.35
C SER A 480 -7.46 6.23 -19.83
N THR A 481 -7.14 4.96 -19.96
CA THR A 481 -8.09 3.99 -20.48
C THR A 481 -7.88 2.68 -19.76
N LEU A 482 -8.95 2.02 -19.34
CA LEU A 482 -8.79 0.76 -18.63
C LEU A 482 -9.76 -0.34 -19.00
N ARG A 483 -9.25 -1.57 -18.98
CA ARG A 483 -10.05 -2.75 -19.27
C ARG A 483 -10.73 -3.11 -17.96
N VAL A 484 -11.98 -3.56 -18.03
CA VAL A 484 -12.73 -3.90 -16.85
C VAL A 484 -13.55 -5.14 -17.13
N ASN A 485 -13.56 -6.05 -16.16
CA ASN A 485 -14.30 -7.30 -16.26
C ASN A 485 -15.42 -7.30 -15.25
N ILE A 486 -16.65 -7.37 -15.75
CA ILE A 486 -17.82 -7.36 -14.90
C ILE A 486 -18.30 -8.75 -14.62
N THR A 487 -18.32 -9.13 -13.34
CA THR A 487 -18.76 -10.46 -12.95
C THR A 487 -20.22 -10.39 -12.50
N ALA A 488 -20.68 -9.18 -12.23
CA ALA A 488 -22.06 -8.96 -11.82
C ALA A 488 -22.90 -9.04 -13.08
N PRO A 489 -24.17 -9.47 -12.94
CA PRO A 489 -25.04 -9.56 -14.11
C PRO A 489 -25.06 -8.21 -14.82
N LEU A 490 -25.01 -8.22 -16.14
CA LEU A 490 -25.01 -6.97 -16.90
C LEU A 490 -26.26 -6.13 -16.60
N SER A 491 -27.27 -6.79 -16.07
CA SER A 491 -28.52 -6.15 -15.69
C SER A 491 -28.30 -5.06 -14.64
N GLN A 492 -27.24 -5.22 -13.84
CA GLN A 492 -26.90 -4.29 -12.78
C GLN A 492 -26.56 -2.89 -13.26
N ARG A 493 -27.12 -1.88 -12.59
CA ARG A 493 -26.86 -0.49 -12.93
C ARG A 493 -25.77 -0.02 -12.00
N TYR A 494 -24.84 0.78 -12.51
CA TYR A 494 -23.75 1.30 -11.70
C TYR A 494 -23.72 2.79 -11.81
N ARG A 495 -22.94 3.41 -10.92
CA ARG A 495 -22.74 4.84 -10.88
C ARG A 495 -21.23 4.96 -10.64
N VAL A 496 -20.60 6.02 -11.14
CA VAL A 496 -19.16 6.20 -10.98
C VAL A 496 -18.80 7.46 -10.17
N ARG A 497 -17.82 7.31 -9.29
CA ARG A 497 -17.34 8.42 -8.50
C ARG A 497 -15.87 8.56 -8.94
N ILE A 498 -15.28 9.71 -8.67
CA ILE A 498 -13.92 10.00 -9.08
C ILE A 498 -13.25 10.72 -7.94
N ARG A 499 -12.23 10.14 -7.31
CA ARG A 499 -11.52 10.85 -6.25
C ARG A 499 -10.49 11.66 -7.00
N TYR A 500 -10.47 12.98 -6.81
CA TYR A 500 -9.54 13.83 -7.57
C TYR A 500 -9.26 15.11 -6.82
N ALA A 501 -8.31 15.90 -7.34
CA ALA A 501 -7.95 17.21 -6.80
C ALA A 501 -7.83 18.06 -8.07
N SER A 502 -8.10 19.35 -7.98
CA SER A 502 -8.05 20.22 -9.13
C SER A 502 -8.01 21.65 -8.66
N THR A 503 -7.19 22.47 -9.30
CA THR A 503 -7.08 23.88 -8.97
C THR A 503 -8.12 24.64 -9.79
N THR A 504 -8.96 23.90 -10.53
CA THR A 504 -9.94 24.49 -11.44
C THR A 504 -11.24 23.70 -11.51
N ASN A 505 -12.27 24.34 -12.03
CA ASN A 505 -13.55 23.66 -12.19
C ASN A 505 -13.37 23.02 -13.55
N LEU A 506 -14.04 21.93 -13.82
CA LEU A 506 -13.87 21.27 -15.09
C LEU A 506 -14.96 20.22 -15.22
N GLN A 507 -14.94 19.50 -16.33
CA GLN A 507 -15.92 18.45 -16.55
C GLN A 507 -15.14 17.14 -16.67
N PHE A 508 -15.77 16.04 -16.29
CA PHE A 508 -15.12 14.75 -16.39
C PHE A 508 -16.10 14.04 -17.29
N HIS A 509 -15.61 13.35 -18.30
CA HIS A 509 -16.50 12.63 -19.17
C HIS A 509 -16.03 11.18 -19.16
N THR A 510 -16.96 10.25 -19.33
CA THR A 510 -16.62 8.84 -19.36
C THR A 510 -17.28 8.25 -20.57
N SER A 511 -16.70 7.18 -21.09
CA SER A 511 -17.27 6.50 -22.23
C SER A 511 -16.93 5.04 -22.14
N ILE A 512 -17.89 4.20 -22.47
CA ILE A 512 -17.65 2.78 -22.43
C ILE A 512 -17.76 2.33 -23.87
N ASP A 513 -16.73 1.62 -24.31
CA ASP A 513 -16.60 1.08 -25.67
C ASP A 513 -16.84 2.15 -26.73
N GLY A 514 -16.20 3.31 -26.57
CA GLY A 514 -16.35 4.41 -27.51
C GLY A 514 -17.60 5.25 -27.29
N ARG A 515 -18.64 4.66 -26.69
CA ARG A 515 -19.90 5.35 -26.42
C ARG A 515 -19.82 6.29 -25.22
N PRO A 516 -20.21 7.56 -25.39
CA PRO A 516 -20.20 8.54 -24.31
C PRO A 516 -21.20 8.04 -23.27
N ILE A 517 -20.84 8.09 -22.00
CA ILE A 517 -21.74 7.59 -20.97
C ILE A 517 -22.11 8.64 -19.95
N ASN A 518 -21.14 9.22 -19.25
CA ASN A 518 -21.45 10.24 -18.26
C ASN A 518 -20.64 11.45 -18.53
N GLN A 519 -21.16 12.58 -18.06
CA GLN A 519 -20.50 13.86 -18.19
C GLN A 519 -21.05 14.73 -17.07
N GLY A 520 -20.23 15.59 -16.50
CA GLY A 520 -20.70 16.42 -15.42
C GLY A 520 -19.66 17.45 -15.05
N ASN A 521 -20.11 18.44 -14.29
CA ASN A 521 -19.23 19.51 -13.84
C ASN A 521 -18.76 19.23 -12.43
N PHE A 522 -17.45 19.34 -12.23
CA PHE A 522 -16.86 19.12 -10.94
C PHE A 522 -16.15 20.40 -10.66
N SER A 523 -16.09 20.79 -9.40
CA SER A 523 -15.43 22.04 -9.08
C SER A 523 -14.02 21.86 -8.55
N ALA A 524 -13.34 22.99 -8.40
CA ALA A 524 -12.00 23.02 -7.87
C ALA A 524 -11.95 22.50 -6.43
N THR A 525 -10.75 22.22 -5.95
CA THR A 525 -10.57 21.71 -4.60
C THR A 525 -9.35 22.34 -3.95
N MET A 526 -8.58 23.12 -4.70
CA MET A 526 -7.38 23.72 -4.13
C MET A 526 -6.87 24.89 -4.91
N SER A 527 -6.13 25.75 -4.23
CA SER A 527 -5.52 26.91 -4.85
C SER A 527 -4.31 26.44 -5.62
N SER A 528 -3.93 27.22 -6.63
CA SER A 528 -2.76 26.86 -7.42
C SER A 528 -1.52 26.91 -6.54
N GLY A 529 -0.69 25.88 -6.63
CA GLY A 529 0.54 25.86 -5.85
C GLY A 529 0.39 25.40 -4.42
N SER A 530 -0.69 24.69 -4.12
CA SER A 530 -0.93 24.16 -2.78
C SER A 530 -0.36 22.74 -2.78
N ASN A 531 0.11 22.30 -1.62
CA ASN A 531 0.66 20.94 -1.51
C ASN A 531 -0.47 20.00 -1.10
N LEU A 532 -0.63 18.92 -1.86
CA LEU A 532 -1.67 17.96 -1.62
C LEU A 532 -1.72 17.41 -0.21
N GLN A 533 -2.92 17.34 0.33
CA GLN A 533 -3.19 16.82 1.65
C GLN A 533 -4.52 16.16 1.43
N SER A 534 -5.02 15.43 2.41
CA SER A 534 -6.31 14.75 2.23
C SER A 534 -7.44 15.69 1.77
N GLY A 535 -7.41 16.94 2.25
CA GLY A 535 -8.44 17.89 1.89
C GLY A 535 -8.47 18.29 0.43
N SER A 536 -7.31 18.22 -0.22
CA SER A 536 -7.22 18.57 -1.61
C SER A 536 -8.04 17.63 -2.47
N PHE A 537 -8.34 16.45 -1.96
CA PHE A 537 -9.12 15.51 -2.75
C PHE A 537 -10.58 15.54 -2.41
N ARG A 538 -11.39 15.14 -3.38
CA ARG A 538 -12.84 15.07 -3.26
C ARG A 538 -13.17 13.82 -4.01
N THR A 539 -14.24 13.16 -3.60
CA THR A 539 -14.71 11.97 -4.30
C THR A 539 -16.12 12.38 -4.74
N VAL A 540 -16.28 12.64 -6.03
CA VAL A 540 -17.56 13.07 -6.57
C VAL A 540 -18.16 12.07 -7.52
N GLY A 541 -19.47 11.93 -7.47
CA GLY A 541 -20.13 10.99 -8.36
C GLY A 541 -20.90 11.65 -9.49
N PHE A 542 -21.40 10.80 -10.38
CA PHE A 542 -22.21 11.22 -11.52
C PHE A 542 -23.60 10.77 -11.04
N THR A 543 -24.65 11.50 -11.38
CA THR A 543 -25.99 11.13 -10.91
C THR A 543 -26.65 10.04 -11.71
N THR A 544 -26.41 10.08 -13.01
CA THR A 544 -27.01 9.12 -13.91
C THR A 544 -26.36 7.74 -13.87
N PRO A 545 -27.13 6.69 -13.56
CA PRO A 545 -26.54 5.35 -13.53
C PRO A 545 -26.37 4.82 -14.97
N PHE A 546 -25.77 3.64 -15.11
CA PHE A 546 -25.54 3.01 -16.40
C PHE A 546 -25.39 1.51 -16.23
N ASN A 547 -25.39 0.81 -17.36
CA ASN A 547 -25.22 -0.63 -17.42
C ASN A 547 -23.99 -0.85 -18.29
N PHE A 548 -23.39 -2.02 -18.17
CA PHE A 548 -22.25 -2.36 -19.00
C PHE A 548 -22.93 -3.28 -19.97
N SER A 549 -22.53 -3.25 -21.23
CA SER A 549 -23.15 -4.10 -22.23
C SER A 549 -22.43 -5.44 -22.37
N ASN A 550 -21.14 -5.44 -22.08
CA ASN A 550 -20.35 -6.65 -22.24
C ASN A 550 -19.51 -6.92 -21.00
N GLY A 551 -19.05 -8.16 -20.88
CA GLY A 551 -18.22 -8.56 -19.75
C GLY A 551 -16.89 -7.83 -19.65
N SER A 552 -16.20 -7.69 -20.77
CA SER A 552 -14.92 -6.98 -20.79
C SER A 552 -15.15 -5.72 -21.56
N SER A 553 -14.96 -4.58 -20.90
CA SER A 553 -15.19 -3.31 -21.55
C SER A 553 -13.98 -2.42 -21.38
N VAL A 554 -13.91 -1.41 -22.24
CA VAL A 554 -12.83 -0.45 -22.21
C VAL A 554 -13.50 0.83 -21.71
N PHE A 555 -13.10 1.26 -20.52
CA PHE A 555 -13.66 2.45 -19.91
C PHE A 555 -12.61 3.55 -20.08
N THR A 556 -13.03 4.70 -20.59
CA THR A 556 -12.10 5.82 -20.81
C THR A 556 -12.56 7.01 -20.02
N LEU A 557 -11.62 7.80 -19.53
CA LEU A 557 -11.96 8.96 -18.73
C LEU A 557 -11.23 10.17 -19.25
N SER A 558 -11.92 11.31 -19.33
CA SER A 558 -11.29 12.54 -19.81
C SER A 558 -11.73 13.79 -19.05
N ALA A 559 -10.92 14.84 -19.13
CA ALA A 559 -11.18 16.09 -18.45
C ALA A 559 -11.26 17.20 -19.48
N HIS A 560 -12.21 18.11 -19.31
CA HIS A 560 -12.37 19.19 -20.26
C HIS A 560 -12.70 20.47 -19.61
N VAL A 561 -12.86 21.49 -20.45
CA VAL A 561 -13.49 22.75 -20.04
C VAL A 561 -12.64 23.42 -18.98
N PHE A 562 -11.39 23.74 -19.34
CA PHE A 562 -10.48 24.46 -18.44
C PHE A 562 -9.24 24.91 -19.20
N ASN A 563 -8.61 25.95 -18.69
CA ASN A 563 -7.38 26.48 -19.27
C ASN A 563 -6.21 25.58 -18.93
N SER A 564 -5.23 25.50 -19.84
CA SER A 564 -4.04 24.73 -19.61
C SER A 564 -3.25 25.52 -18.57
N GLY A 565 -2.41 24.83 -17.81
CA GLY A 565 -1.62 25.50 -16.79
C GLY A 565 -2.18 25.22 -15.40
N ASN A 566 -3.25 24.45 -15.35
CA ASN A 566 -3.89 24.09 -14.08
C ASN A 566 -3.50 22.67 -13.80
N GLU A 567 -3.43 22.33 -12.52
CA GLU A 567 -3.08 20.97 -12.18
C GLU A 567 -4.34 20.23 -11.86
N VAL A 568 -4.47 19.03 -12.41
CA VAL A 568 -5.60 18.16 -12.18
C VAL A 568 -4.97 16.82 -11.76
N TYR A 569 -5.35 16.30 -10.60
CA TYR A 569 -4.81 15.04 -10.10
C TYR A 569 -5.95 14.08 -9.97
N ILE A 570 -5.81 12.87 -10.48
CA ILE A 570 -6.89 11.90 -10.37
C ILE A 570 -6.32 10.65 -9.75
N ASP A 571 -6.87 10.24 -8.61
CA ASP A 571 -6.42 9.05 -7.89
C ASP A 571 -7.12 7.78 -8.34
N ARG A 572 -8.43 7.73 -8.18
CA ARG A 572 -9.18 6.53 -8.55
C ARG A 572 -10.61 6.77 -8.98
N ILE A 573 -11.24 5.73 -9.51
CA ILE A 573 -12.65 5.82 -9.87
C ILE A 573 -13.31 4.69 -9.07
N GLU A 574 -14.57 4.87 -8.67
CA GLU A 574 -15.26 3.84 -7.89
C GLU A 574 -16.55 3.44 -8.58
N PHE A 575 -16.82 2.13 -8.63
CA PHE A 575 -18.02 1.62 -9.25
C PHE A 575 -18.97 1.25 -8.14
N VAL A 576 -19.95 2.14 -7.93
CA VAL A 576 -20.99 2.04 -6.90
C VAL A 576 -22.32 1.55 -7.46
N PRO A 577 -22.88 0.45 -6.91
CA PRO A 577 -24.17 -0.11 -7.36
C PRO A 577 -25.26 0.96 -7.25
N ALA A 578 -26.16 1.02 -8.22
CA ALA A 578 -27.19 2.05 -8.24
C ALA A 578 -28.17 2.03 -7.07
N GLU A 579 -28.37 0.86 -6.48
CA GLU A 579 -29.29 0.73 -5.34
C GLU A 579 -28.80 1.47 -4.10
N VAL A 580 -27.54 1.86 -4.11
CA VAL A 580 -26.94 2.57 -3.00
C VAL A 580 -27.23 4.05 -3.20
N THR A 581 -28.19 4.58 -2.43
CA THR A 581 -28.57 6.00 -2.52
C THR A 581 -28.22 6.73 -1.22
#